data_4ZIM
#
_entry.id   4ZIM
#
_cell.length_a   112.390
_cell.length_b   112.390
_cell.length_c   70.810
_cell.angle_alpha   90.00
_cell.angle_beta   90.00
_cell.angle_gamma   90.00
#
_symmetry.space_group_name_H-M   'P 41'
#
loop_
_entity.id
_entity.type
_entity.pdbx_description
1 polymer 'Tyrosine-protein kinase JAK2'
2 non-polymer 3-(3,4-dichlorophenyl)-6-(morpholin-4-ylcarbonyl)-9H-carbazole-1-carboxamide
3 water water
#
_entity_poly.entity_id   1
_entity_poly.type   'polypeptide(L)'
_entity_poly.pdbx_seq_one_letter_code
;MGSSHHHHHHSSGLVPRGSHMRDPTQFEERHLKFLQQLGKGNFGSVEMCRYDPLQDNTGEVVAVKKLQHSTEEHLRDFER
EIEILKSLQHDNIVKYKGVCYSAGRRNLKLIMEYLPYGSLRDYLQKHKERIDHIKLLQYTSQICKGMEYLGTKRYIHRDL
ATRNILVENENRVKIGDFGLTKVLPQDKE(PTR)(PTR)KVKEPGESPIFWYAPESLTESKFSVASDVWSFGVVLYELFT
YIEKSKSPPAEFMRMIGNDKQGQMIVFHLIELLKNNGRLPRPDGCPDEIYMIMTECWNNNVNQRPSFRDLALRVDQIRDN
MAGHHHHHH
;
_entity_poly.pdbx_strand_id   A,B
#
loop_
_chem_comp.id
_chem_comp.type
_chem_comp.name
_chem_comp.formula
4OK non-polymer 3-(3,4-dichlorophenyl)-6-(morpholin-4-ylcarbonyl)-9H-carbazole-1-carboxamide 'C24 H19 Cl2 N3 O3'
#
# COMPACT_ATOMS: atom_id res chain seq x y z
N THR A 25 5.35 1.75 43.64
CA THR A 25 4.51 2.32 44.70
C THR A 25 3.95 1.22 45.64
N GLN A 26 4.26 -0.06 45.30
CA GLN A 26 3.84 -1.30 45.97
C GLN A 26 2.31 -1.48 45.94
N PHE A 27 1.92 -2.58 45.31
CA PHE A 27 0.56 -2.98 45.07
C PHE A 27 0.20 -4.15 45.96
N GLU A 28 -0.96 -4.04 46.59
CA GLU A 28 -1.54 -5.03 47.47
C GLU A 28 -2.51 -5.86 46.66
N GLU A 29 -2.31 -7.19 46.66
CA GLU A 29 -3.13 -8.17 45.95
C GLU A 29 -4.63 -7.96 46.13
N ARG A 30 -5.06 -7.67 47.38
CA ARG A 30 -6.47 -7.47 47.75
C ARG A 30 -7.15 -6.32 47.02
N HIS A 31 -6.39 -5.35 46.46
CA HIS A 31 -6.97 -4.20 45.75
C HIS A 31 -6.86 -4.27 44.23
N LEU A 32 -6.25 -5.35 43.72
CA LEU A 32 -6.08 -5.59 42.30
C LEU A 32 -7.29 -6.38 41.85
N LYS A 33 -8.29 -5.69 41.28
CA LYS A 33 -9.54 -6.28 40.81
C LYS A 33 -9.37 -6.72 39.34
N PHE A 34 -9.65 -8.00 39.04
CA PHE A 34 -9.54 -8.57 37.70
C PHE A 34 -10.66 -8.13 36.81
N LEU A 35 -10.32 -7.61 35.62
CA LEU A 35 -11.30 -7.14 34.62
C LEU A 35 -11.36 -8.13 33.46
N GLN A 36 -10.26 -8.36 32.74
CA GLN A 36 -10.21 -9.33 31.64
C GLN A 36 -8.80 -9.80 31.30
N GLN A 37 -8.71 -10.81 30.45
CA GLN A 37 -7.46 -11.37 29.97
C GLN A 37 -7.05 -10.61 28.71
N LEU A 38 -5.85 -10.02 28.73
CA LEU A 38 -5.28 -9.26 27.61
C LEU A 38 -4.45 -10.15 26.67
N GLY A 39 -3.89 -11.22 27.20
CA GLY A 39 -3.09 -12.16 26.42
C GLY A 39 -2.49 -13.32 27.19
N LYS A 40 -2.18 -14.39 26.45
CA LYS A 40 -1.61 -15.65 26.95
C LYS A 40 -0.25 -15.92 26.34
N GLY A 41 0.42 -16.89 26.92
CA GLY A 41 1.73 -17.34 26.46
C GLY A 41 2.11 -18.61 27.17
N ASN A 42 3.19 -19.28 26.68
CA ASN A 42 3.70 -20.52 27.27
C ASN A 42 4.18 -20.27 28.71
N PHE A 43 4.88 -19.13 28.94
CA PHE A 43 5.41 -18.81 30.26
C PHE A 43 4.71 -17.61 30.88
N GLY A 44 4.42 -16.57 30.08
CA GLY A 44 3.68 -15.38 30.51
C GLY A 44 2.16 -15.51 30.53
N SER A 45 1.47 -14.38 30.78
CA SER A 45 0.00 -14.14 30.85
C SER A 45 -0.21 -12.72 31.35
N VAL A 46 -1.01 -11.93 30.61
CA VAL A 46 -1.25 -10.53 30.92
C VAL A 46 -2.74 -10.29 31.08
N GLU A 47 -3.11 -9.68 32.22
CA GLU A 47 -4.49 -9.37 32.59
C GLU A 47 -4.71 -7.87 32.72
N MET A 48 -5.94 -7.44 32.44
CA MET A 48 -6.41 -6.08 32.65
C MET A 48 -7.05 -6.07 34.05
N CYS A 49 -6.51 -5.24 34.95
CA CYS A 49 -7.00 -5.11 36.32
C CYS A 49 -7.31 -3.68 36.65
N ARG A 50 -7.95 -3.46 37.80
CA ARG A 50 -8.21 -2.14 38.33
C ARG A 50 -7.57 -2.10 39.72
N TYR A 51 -6.61 -1.20 39.94
CA TYR A 51 -6.06 -1.07 41.25
C TYR A 51 -6.90 -0.06 42.04
N ASP A 52 -7.85 -0.57 42.81
CA ASP A 52 -8.77 0.23 43.57
C ASP A 52 -8.64 0.04 45.12
N PRO A 53 -7.67 0.72 45.76
CA PRO A 53 -7.53 0.60 47.22
C PRO A 53 -8.65 1.25 48.01
N LEU A 54 -9.27 2.30 47.46
CA LEU A 54 -10.36 3.00 48.13
C LEU A 54 -11.73 2.33 47.96
N GLN A 55 -11.82 1.31 47.11
CA GLN A 55 -13.03 0.54 46.78
C GLN A 55 -14.20 1.41 46.22
N ASP A 56 -13.90 2.67 45.83
CA ASP A 56 -14.83 3.66 45.29
C ASP A 56 -14.82 3.74 43.74
N ASN A 57 -14.08 2.83 43.10
CA ASN A 57 -13.92 2.74 41.64
C ASN A 57 -13.38 4.06 41.04
N THR A 58 -12.33 4.58 41.69
CA THR A 58 -11.57 5.76 41.25
C THR A 58 -10.13 5.29 40.93
N GLY A 59 -9.87 4.00 41.17
CA GLY A 59 -8.59 3.36 40.90
C GLY A 59 -8.26 3.24 39.43
N GLU A 60 -6.98 3.26 39.15
CA GLU A 60 -6.39 3.21 37.82
C GLU A 60 -6.47 1.79 37.25
N VAL A 61 -6.66 1.69 35.94
CA VAL A 61 -6.65 0.41 35.22
C VAL A 61 -5.19 0.17 34.81
N VAL A 62 -4.70 -1.04 35.12
CA VAL A 62 -3.31 -1.43 34.88
C VAL A 62 -3.25 -2.76 34.14
N ALA A 63 -2.07 -3.10 33.58
CA ALA A 63 -1.82 -4.40 32.98
C ALA A 63 -0.94 -5.18 33.97
N VAL A 64 -1.30 -6.45 34.21
CA VAL A 64 -0.62 -7.33 35.18
C VAL A 64 -0.06 -8.56 34.47
N LYS A 65 1.25 -8.74 34.50
CA LYS A 65 1.92 -9.91 33.93
C LYS A 65 2.27 -10.88 35.06
N LYS A 66 1.79 -12.12 34.93
CA LYS A 66 2.03 -13.21 35.88
C LYS A 66 2.59 -14.44 35.13
N LEU A 67 3.34 -15.29 35.85
CA LEU A 67 3.88 -16.52 35.28
C LEU A 67 2.76 -17.54 35.27
N GLN A 68 2.50 -18.13 34.08
CA GLN A 68 1.46 -19.14 33.82
C GLN A 68 1.70 -20.37 34.70
N HIS A 69 2.93 -20.84 34.74
CA HIS A 69 3.32 -21.94 35.61
C HIS A 69 4.65 -21.45 36.19
N SER A 70 4.65 -21.18 37.51
CA SER A 70 5.81 -20.66 38.22
C SER A 70 6.73 -21.79 38.66
N THR A 71 7.99 -21.70 38.24
CA THR A 71 9.10 -22.60 38.56
C THR A 71 10.20 -21.70 39.16
N GLU A 72 11.35 -22.25 39.56
CA GLU A 72 12.40 -21.40 40.10
C GLU A 72 13.19 -20.71 38.95
N GLU A 73 13.33 -21.40 37.80
CA GLU A 73 14.03 -20.90 36.60
C GLU A 73 13.21 -19.77 35.99
N HIS A 74 11.87 -19.98 35.85
CA HIS A 74 10.98 -18.94 35.34
C HIS A 74 10.89 -17.77 36.28
N LEU A 75 10.87 -18.02 37.61
CA LEU A 75 10.81 -16.98 38.66
C LEU A 75 12.04 -16.06 38.64
N ARG A 76 13.25 -16.62 38.65
CA ARG A 76 14.54 -15.91 38.60
C ARG A 76 14.64 -15.11 37.28
N ASP A 77 14.11 -15.69 36.17
CA ASP A 77 14.06 -15.05 34.85
C ASP A 77 13.17 -13.83 34.89
N PHE A 78 12.00 -13.98 35.52
CA PHE A 78 10.97 -12.96 35.71
C PHE A 78 11.47 -11.84 36.58
N GLU A 79 12.27 -12.14 37.62
CA GLU A 79 12.83 -11.11 38.51
C GLU A 79 13.86 -10.25 37.75
N ARG A 80 14.60 -10.89 36.81
CA ARG A 80 15.59 -10.30 35.91
C ARG A 80 14.92 -9.39 34.86
N GLU A 81 13.72 -9.80 34.41
CA GLU A 81 12.83 -9.13 33.45
C GLU A 81 12.21 -7.90 34.12
N ILE A 82 11.76 -8.03 35.38
CA ILE A 82 11.20 -6.92 36.15
C ILE A 82 12.25 -5.82 36.35
N GLU A 83 13.51 -6.21 36.63
CA GLU A 83 14.62 -5.25 36.82
C GLU A 83 14.98 -4.54 35.54
N ILE A 84 14.89 -5.28 34.41
CA ILE A 84 15.14 -4.74 33.07
C ILE A 84 14.12 -3.60 32.79
N LEU A 85 12.81 -3.87 32.94
CA LEU A 85 11.75 -2.88 32.71
C LEU A 85 11.82 -1.71 33.70
N LYS A 86 12.04 -1.98 35.01
CA LYS A 86 12.20 -0.96 36.05
C LYS A 86 13.28 0.07 35.62
N SER A 87 14.36 -0.41 34.99
CA SER A 87 15.51 0.39 34.52
C SER A 87 15.30 1.14 33.18
N LEU A 88 14.17 0.87 32.49
CA LEU A 88 13.89 1.52 31.22
C LEU A 88 12.91 2.67 31.37
N GLN A 89 13.32 3.87 30.92
CA GLN A 89 12.52 5.10 30.95
C GLN A 89 12.62 5.79 29.57
N HIS A 90 11.63 5.54 28.71
CA HIS A 90 11.58 6.04 27.33
C HIS A 90 10.14 6.12 26.88
N ASP A 91 9.85 7.05 25.96
CA ASP A 91 8.50 7.28 25.42
C ASP A 91 7.94 6.10 24.63
N ASN A 92 8.84 5.28 24.05
CA ASN A 92 8.48 4.13 23.22
C ASN A 92 8.85 2.81 23.88
N ILE A 93 8.68 2.78 25.22
CA ILE A 93 8.89 1.65 26.12
C ILE A 93 7.81 1.75 27.18
N VAL A 94 6.99 0.66 27.30
CA VAL A 94 5.87 0.56 28.24
C VAL A 94 6.36 0.90 29.67
N LYS A 95 5.59 1.73 30.39
CA LYS A 95 5.94 2.14 31.76
C LYS A 95 5.68 1.02 32.78
N TYR A 96 6.69 0.81 33.60
CA TYR A 96 6.68 -0.05 34.75
C TYR A 96 5.93 0.74 35.87
N LYS A 97 5.03 0.08 36.60
CA LYS A 97 4.34 0.72 37.71
C LYS A 97 4.78 0.09 39.06
N GLY A 98 5.06 -1.22 39.06
CA GLY A 98 5.47 -1.93 40.26
C GLY A 98 5.32 -3.43 40.24
N VAL A 99 5.33 -4.04 41.43
CA VAL A 99 5.21 -5.50 41.64
C VAL A 99 4.12 -5.84 42.66
N CYS A 100 3.63 -7.08 42.62
CA CYS A 100 2.59 -7.56 43.53
C CYS A 100 2.92 -8.98 43.98
N TYR A 101 3.35 -9.11 45.25
CA TYR A 101 3.74 -10.36 45.90
C TYR A 101 2.53 -10.98 46.64
N SER A 102 2.74 -12.19 47.22
CA SER A 102 1.79 -13.01 47.99
C SER A 102 0.98 -12.20 49.01
N ARG A 106 6.32 -14.33 46.78
CA ARG A 106 5.99 -15.69 46.34
C ARG A 106 5.42 -15.72 44.88
N ASN A 107 4.11 -15.36 44.70
CA ASN A 107 3.36 -15.34 43.43
C ASN A 107 3.47 -13.96 42.75
N LEU A 108 4.72 -13.57 42.42
CA LEU A 108 5.13 -12.29 41.84
C LEU A 108 4.37 -11.91 40.54
N LYS A 109 3.85 -10.65 40.54
CA LYS A 109 3.10 -10.03 39.44
C LYS A 109 3.76 -8.70 39.05
N LEU A 110 3.99 -8.48 37.74
CA LEU A 110 4.56 -7.26 37.18
C LEU A 110 3.40 -6.34 36.78
N ILE A 111 3.36 -5.14 37.40
CA ILE A 111 2.35 -4.10 37.14
C ILE A 111 2.93 -3.07 36.17
N MET A 112 2.26 -2.91 35.05
CA MET A 112 2.63 -1.93 34.02
C MET A 112 1.42 -1.07 33.71
N GLU A 113 1.65 0.03 33.00
CA GLU A 113 0.57 0.92 32.57
C GLU A 113 -0.34 0.19 31.58
N TYR A 114 -1.63 0.58 31.55
CA TYR A 114 -2.55 -0.02 30.59
C TYR A 114 -2.51 0.83 29.35
N LEU A 115 -2.27 0.16 28.21
CA LEU A 115 -2.25 0.80 26.89
C LEU A 115 -3.53 0.33 26.21
N PRO A 116 -4.50 1.26 26.03
CA PRO A 116 -5.87 0.88 25.57
C PRO A 116 -6.06 0.22 24.22
N TYR A 117 -5.19 0.48 23.24
CA TYR A 117 -5.36 -0.07 21.89
C TYR A 117 -4.69 -1.44 21.61
N GLY A 118 -3.99 -2.01 22.59
CA GLY A 118 -3.38 -3.34 22.49
C GLY A 118 -2.18 -3.46 21.58
N SER A 119 -1.88 -4.68 21.10
CA SER A 119 -0.72 -4.91 20.21
C SER A 119 -0.83 -4.22 18.85
N LEU A 120 0.31 -3.80 18.29
CA LEU A 120 0.40 -3.22 16.96
C LEU A 120 -0.03 -4.25 15.92
N ARG A 121 0.18 -5.55 16.20
CA ARG A 121 -0.24 -6.65 15.36
C ARG A 121 -1.77 -6.59 15.13
N ASP A 122 -2.56 -6.62 16.23
CA ASP A 122 -4.01 -6.61 16.20
C ASP A 122 -4.59 -5.25 15.77
N TYR A 123 -3.92 -4.15 16.17
CA TYR A 123 -4.32 -2.77 15.81
C TYR A 123 -4.21 -2.50 14.30
N LEU A 124 -3.11 -2.92 13.68
CA LEU A 124 -2.84 -2.74 12.25
C LEU A 124 -3.90 -3.41 11.35
N GLN A 125 -4.38 -4.60 11.73
CA GLN A 125 -5.43 -5.34 11.04
C GLN A 125 -6.80 -4.58 11.08
N LYS A 126 -7.24 -4.18 12.27
CA LYS A 126 -8.49 -3.44 12.51
C LYS A 126 -8.54 -2.08 11.76
N HIS A 127 -7.39 -1.44 11.57
CA HIS A 127 -7.34 -0.12 10.93
C HIS A 127 -6.49 -0.09 9.66
N LYS A 128 -6.41 -1.24 8.93
CA LYS A 128 -5.72 -1.44 7.65
C LYS A 128 -5.96 -0.25 6.73
N GLU A 129 -7.25 0.02 6.47
CA GLU A 129 -7.83 1.09 5.66
C GLU A 129 -7.46 2.51 6.13
N ARG A 130 -7.28 2.68 7.45
CA ARG A 130 -6.99 3.95 8.13
C ARG A 130 -5.51 4.26 8.32
N ILE A 131 -4.60 3.25 8.23
CA ILE A 131 -3.16 3.40 8.46
C ILE A 131 -2.40 3.36 7.14
N ASP A 132 -1.81 4.51 6.77
CA ASP A 132 -1.04 4.60 5.53
C ASP A 132 0.46 4.42 5.75
N HIS A 133 1.25 4.27 4.66
CA HIS A 133 2.68 4.06 4.71
C HIS A 133 3.44 5.08 5.57
N ILE A 134 3.02 6.35 5.53
CA ILE A 134 3.57 7.49 6.28
C ILE A 134 3.43 7.25 7.78
N LYS A 135 2.26 6.73 8.18
CA LYS A 135 1.93 6.38 9.55
C LYS A 135 2.71 5.15 10.01
N LEU A 136 2.82 4.09 9.15
CA LEU A 136 3.62 2.88 9.42
C LEU A 136 5.07 3.29 9.71
N LEU A 137 5.55 4.29 8.97
CA LEU A 137 6.91 4.82 9.12
C LEU A 137 7.07 5.61 10.40
N GLN A 138 5.97 6.22 10.92
CA GLN A 138 5.98 6.90 12.23
C GLN A 138 6.22 5.85 13.31
N TYR A 139 5.45 4.75 13.28
CA TYR A 139 5.57 3.60 14.18
C TYR A 139 6.95 3.00 14.11
N THR A 140 7.45 2.73 12.88
CA THR A 140 8.79 2.18 12.59
C THR A 140 9.87 2.99 13.29
N SER A 141 9.83 4.31 13.09
CA SER A 141 10.73 5.32 13.67
C SER A 141 10.77 5.22 15.20
N GLN A 142 9.60 5.17 15.84
CA GLN A 142 9.42 5.04 17.27
C GLN A 142 10.03 3.72 17.78
N ILE A 143 9.80 2.61 17.06
CA ILE A 143 10.38 1.30 17.36
C ILE A 143 11.91 1.40 17.38
N CYS A 144 12.52 2.09 16.37
CA CYS A 144 13.97 2.32 16.25
C CYS A 144 14.51 3.13 17.41
N LYS A 145 13.79 4.16 17.84
CA LYS A 145 14.17 5.01 18.98
C LYS A 145 14.24 4.20 20.28
N GLY A 146 13.20 3.38 20.53
CA GLY A 146 13.12 2.49 21.68
C GLY A 146 14.20 1.41 21.70
N MET A 147 14.47 0.85 20.50
CA MET A 147 15.50 -0.17 20.28
C MET A 147 16.91 0.39 20.48
N GLU A 148 17.16 1.64 20.07
CA GLU A 148 18.44 2.29 20.30
C GLU A 148 18.62 2.59 21.81
N TYR A 149 17.50 2.90 22.49
CA TYR A 149 17.56 3.13 23.93
C TYR A 149 18.00 1.86 24.63
N LEU A 150 17.52 0.68 24.18
CA LEU A 150 17.87 -0.63 24.72
C LEU A 150 19.36 -0.91 24.56
N GLY A 151 19.91 -0.63 23.37
CA GLY A 151 21.32 -0.82 23.03
C GLY A 151 22.25 -0.01 23.91
N THR A 152 21.82 1.18 24.28
CA THR A 152 22.54 2.09 25.14
C THR A 152 22.75 1.47 26.55
N LYS A 153 21.86 0.56 26.95
CA LYS A 153 21.83 -0.15 28.22
C LYS A 153 22.39 -1.54 28.07
N ARG A 154 22.83 -1.87 26.85
CA ARG A 154 23.42 -3.16 26.45
C ARG A 154 22.41 -4.32 26.64
N TYR A 155 21.14 -4.05 26.37
CA TYR A 155 20.05 -5.01 26.48
C TYR A 155 19.74 -5.55 25.08
N ILE A 156 19.62 -6.88 24.98
CA ILE A 156 19.28 -7.54 23.72
C ILE A 156 17.85 -8.03 23.84
N HIS A 157 16.92 -7.40 23.06
CA HIS A 157 15.50 -7.72 23.08
C HIS A 157 15.16 -9.23 22.86
N ARG A 158 15.73 -9.83 21.81
CA ARG A 158 15.60 -11.25 21.45
C ARG A 158 14.21 -11.69 21.05
N ASP A 159 13.25 -10.75 20.84
CA ASP A 159 11.88 -11.12 20.49
C ASP A 159 11.11 -9.93 19.90
N LEU A 160 11.72 -9.23 18.93
CA LEU A 160 11.05 -8.11 18.28
C LEU A 160 10.07 -8.69 17.30
N ALA A 161 8.78 -8.41 17.51
CA ALA A 161 7.67 -8.84 16.65
C ALA A 161 6.59 -7.82 16.90
N THR A 162 5.69 -7.56 15.91
CA THR A 162 4.62 -6.55 16.08
C THR A 162 3.69 -6.90 17.23
N ARG A 163 3.59 -8.22 17.58
CA ARG A 163 2.80 -8.75 18.69
C ARG A 163 3.28 -8.21 20.04
N ASN A 164 4.58 -7.84 20.11
CA ASN A 164 5.23 -7.33 21.31
C ASN A 164 5.34 -5.80 21.35
N ILE A 165 4.73 -5.12 20.38
CA ILE A 165 4.67 -3.66 20.31
C ILE A 165 3.24 -3.29 20.66
N LEU A 166 3.06 -2.36 21.60
CA LEU A 166 1.72 -1.94 22.05
C LEU A 166 1.40 -0.52 21.60
N VAL A 167 0.11 -0.22 21.41
CA VAL A 167 -0.40 1.06 20.95
C VAL A 167 -1.00 1.91 22.10
N GLU A 168 -0.39 3.09 22.39
CA GLU A 168 -0.89 4.05 23.39
C GLU A 168 -2.06 4.84 22.78
N ASN A 169 -1.87 5.33 21.54
CA ASN A 169 -2.86 6.09 20.74
C ASN A 169 -2.48 5.95 19.26
N GLU A 170 -3.15 6.71 18.37
CA GLU A 170 -2.87 6.70 16.92
C GLU A 170 -1.43 7.15 16.58
N ASN A 171 -0.84 8.04 17.40
CA ASN A 171 0.47 8.63 17.12
C ASN A 171 1.62 8.11 18.01
N ARG A 172 1.35 7.08 18.87
CA ARG A 172 2.37 6.50 19.70
C ARG A 172 2.23 5.00 19.95
N VAL A 173 3.32 4.28 19.69
CA VAL A 173 3.52 2.87 19.96
C VAL A 173 4.72 2.73 20.90
N LYS A 174 4.71 1.68 21.73
CA LYS A 174 5.76 1.36 22.70
C LYS A 174 6.14 -0.10 22.63
N ILE A 175 7.41 -0.44 22.93
CA ILE A 175 7.83 -1.84 23.04
C ILE A 175 7.18 -2.31 24.36
N GLY A 176 6.34 -3.34 24.26
CA GLY A 176 5.50 -3.79 25.36
C GLY A 176 5.86 -4.99 26.19
N ASP A 177 6.88 -5.73 25.82
CA ASP A 177 7.29 -6.92 26.57
C ASP A 177 8.78 -7.09 26.47
N PHE A 178 9.43 -7.65 27.53
CA PHE A 178 10.85 -7.88 27.61
C PHE A 178 11.17 -9.25 28.22
N GLY A 179 10.27 -10.22 28.00
CA GLY A 179 10.35 -11.59 28.52
C GLY A 179 11.62 -12.37 28.18
N LEU A 180 12.18 -12.14 26.98
CA LEU A 180 13.42 -12.79 26.49
C LEU A 180 14.63 -11.88 26.56
N THR A 181 14.46 -10.60 26.97
CA THR A 181 15.54 -9.59 27.02
C THR A 181 16.67 -10.06 27.92
N LYS A 182 17.90 -9.97 27.38
CA LYS A 182 19.14 -10.38 28.04
C LYS A 182 20.15 -9.24 28.06
N VAL A 183 20.91 -9.10 29.17
CA VAL A 183 21.97 -8.09 29.30
C VAL A 183 23.28 -8.67 28.76
N LEU A 184 23.98 -7.92 27.89
CA LEU A 184 25.24 -8.38 27.32
C LEU A 184 26.34 -8.54 28.38
N PRO A 185 27.29 -9.50 28.24
CA PRO A 185 28.42 -9.53 29.19
C PRO A 185 29.25 -8.27 28.94
N GLN A 186 29.95 -7.75 29.96
CA GLN A 186 30.74 -6.51 29.81
C GLN A 186 31.82 -6.58 28.70
N ASP A 187 32.42 -7.77 28.55
CA ASP A 187 33.50 -8.14 27.64
C ASP A 187 33.09 -8.59 26.23
N LYS A 188 31.82 -9.00 26.06
CA LYS A 188 31.36 -9.51 24.77
C LYS A 188 30.25 -8.69 24.14
N GLU A 189 30.10 -8.80 22.81
CA GLU A 189 29.10 -8.10 22.01
C GLU A 189 27.93 -8.99 21.57
N PTR A 190 27.96 -10.26 21.98
CA PTR A 190 26.92 -11.24 21.72
C PTR A 190 26.60 -11.91 23.05
O PTR A 190 27.27 -11.65 24.05
CB PTR A 190 27.20 -12.19 20.56
CG PTR A 190 28.40 -13.01 20.85
CD1 PTR A 190 29.65 -12.58 20.34
CD2 PTR A 190 28.31 -14.23 21.63
CE1 PTR A 190 30.79 -13.35 20.65
CE2 PTR A 190 29.46 -15.02 21.92
CZ PTR A 190 30.71 -14.59 21.40
OH PTR A 190 31.82 -15.37 21.70
P PTR A 190 32.62 -15.95 20.48
O1P PTR A 190 33.84 -16.82 20.92
O2P PTR A 190 31.64 -16.80 19.63
O3P PTR A 190 33.35 -14.81 19.70
N PTR A 191 25.57 -12.75 23.06
CA PTR A 191 25.12 -13.53 24.21
C PTR A 191 24.56 -14.81 23.65
O PTR A 191 23.68 -14.76 22.80
CB PTR A 191 24.09 -12.68 25.01
CG PTR A 191 23.57 -13.22 26.29
CD1 PTR A 191 22.66 -14.33 26.31
CD2 PTR A 191 23.94 -12.58 27.47
CE1 PTR A 191 22.15 -14.84 27.49
CE2 PTR A 191 23.42 -13.07 28.70
CZ PTR A 191 22.56 -14.25 28.71
OH PTR A 191 21.95 -14.73 29.84
P PTR A 191 22.59 -15.51 30.93
O1P PTR A 191 24.00 -14.97 31.39
O2P PTR A 191 22.67 -17.04 30.66
O3P PTR A 191 21.55 -15.18 32.04
N LYS A 192 25.10 -15.96 24.10
CA LYS A 192 24.64 -17.30 23.70
C LYS A 192 23.60 -17.81 24.73
N VAL A 193 22.45 -18.30 24.23
CA VAL A 193 21.35 -18.80 25.02
C VAL A 193 20.45 -19.68 24.19
N LYS A 194 20.16 -20.87 24.72
CA LYS A 194 19.25 -21.85 24.16
C LYS A 194 18.23 -22.18 25.24
N GLU A 195 17.11 -21.44 25.15
CA GLU A 195 15.96 -21.54 26.04
C GLU A 195 15.10 -22.73 25.62
N PRO A 196 14.93 -23.74 26.52
CA PRO A 196 14.11 -24.92 26.16
C PRO A 196 12.67 -24.51 25.85
N GLY A 197 12.15 -25.05 24.75
CA GLY A 197 10.81 -24.72 24.28
C GLY A 197 10.76 -24.15 22.89
N GLU A 198 9.64 -23.47 22.55
CA GLU A 198 9.41 -22.90 21.22
C GLU A 198 9.90 -21.45 21.09
N SER A 199 10.87 -21.25 20.17
CA SER A 199 11.50 -19.99 19.80
C SER A 199 10.85 -19.34 18.57
N PRO A 200 10.79 -17.98 18.48
CA PRO A 200 10.25 -17.33 17.25
C PRO A 200 11.26 -17.38 16.10
N ILE A 201 11.51 -18.60 15.58
CA ILE A 201 12.50 -18.93 14.57
C ILE A 201 12.35 -18.16 13.25
N PHE A 202 11.14 -17.75 12.89
CA PHE A 202 10.90 -17.01 11.64
C PHE A 202 11.23 -15.51 11.72
N TRP A 203 11.64 -15.04 12.92
CA TRP A 203 12.08 -13.68 13.21
C TRP A 203 13.59 -13.69 13.57
N TYR A 204 14.19 -14.88 13.79
CA TYR A 204 15.61 -15.12 14.16
C TYR A 204 16.64 -14.95 13.04
N ALA A 205 17.77 -14.30 13.37
CA ALA A 205 18.93 -14.10 12.48
C ALA A 205 19.57 -15.48 12.22
N PRO A 206 20.34 -15.71 11.13
CA PRO A 206 20.92 -17.05 10.94
C PRO A 206 21.80 -17.51 12.11
N GLU A 207 22.69 -16.62 12.62
CA GLU A 207 23.58 -16.93 13.74
C GLU A 207 22.82 -17.26 15.03
N SER A 208 21.56 -16.78 15.18
CA SER A 208 20.70 -17.10 16.33
C SER A 208 20.17 -18.53 16.15
N LEU A 209 19.88 -18.91 14.90
CA LEU A 209 19.37 -20.26 14.58
C LEU A 209 20.47 -21.32 14.71
N THR A 210 21.66 -21.04 14.17
CA THR A 210 22.77 -21.98 14.16
C THR A 210 23.60 -22.01 15.43
N GLU A 211 23.99 -20.83 15.95
CA GLU A 211 24.87 -20.72 17.11
C GLU A 211 24.24 -20.22 18.39
N SER A 212 22.96 -19.78 18.38
CA SER A 212 22.29 -19.26 19.58
C SER A 212 22.90 -17.91 20.02
N LYS A 213 23.52 -17.17 19.09
CA LYS A 213 24.15 -15.87 19.36
C LYS A 213 23.12 -14.80 19.14
N PHE A 214 22.93 -13.99 20.18
CA PHE A 214 22.00 -12.86 20.20
C PHE A 214 22.83 -11.61 20.44
N SER A 215 22.62 -10.60 19.58
CA SER A 215 23.34 -9.33 19.62
C SER A 215 22.39 -8.23 19.20
N VAL A 216 22.87 -6.98 19.19
CA VAL A 216 22.13 -5.83 18.68
C VAL A 216 21.84 -6.15 17.19
N ALA A 217 22.81 -6.75 16.47
CA ALA A 217 22.70 -7.15 15.06
C ALA A 217 21.63 -8.23 14.77
N SER A 218 21.32 -9.14 15.73
CA SER A 218 20.24 -10.11 15.54
C SER A 218 18.88 -9.40 15.76
N ASP A 219 18.85 -8.39 16.67
CA ASP A 219 17.71 -7.53 16.95
C ASP A 219 17.35 -6.72 15.72
N VAL A 220 18.38 -6.23 14.96
CA VAL A 220 18.26 -5.50 13.68
C VAL A 220 17.64 -6.42 12.65
N TRP A 221 18.13 -7.69 12.55
CA TRP A 221 17.57 -8.68 11.64
C TRP A 221 16.05 -8.81 11.93
N SER A 222 15.69 -9.05 13.22
CA SER A 222 14.30 -9.16 13.70
C SER A 222 13.50 -7.88 13.45
N PHE A 223 14.15 -6.72 13.49
CA PHE A 223 13.52 -5.43 13.19
C PHE A 223 13.02 -5.41 11.71
N GLY A 224 13.83 -5.95 10.79
CA GLY A 224 13.49 -6.02 9.36
C GLY A 224 12.26 -6.87 9.15
N VAL A 225 12.08 -7.90 10.00
CA VAL A 225 10.93 -8.78 10.00
C VAL A 225 9.72 -8.01 10.52
N VAL A 226 9.93 -7.10 11.51
CA VAL A 226 8.89 -6.21 12.08
C VAL A 226 8.43 -5.25 11.00
N LEU A 227 9.39 -4.60 10.30
CA LEU A 227 9.12 -3.69 9.17
C LEU A 227 8.38 -4.42 8.04
N TYR A 228 8.73 -5.67 7.76
CA TYR A 228 8.04 -6.53 6.79
C TYR A 228 6.57 -6.73 7.24
N GLU A 229 6.38 -7.17 8.52
CA GLU A 229 5.08 -7.39 9.17
C GLU A 229 4.15 -6.19 8.96
N LEU A 230 4.64 -4.99 9.24
CA LEU A 230 3.92 -3.72 9.09
C LEU A 230 3.37 -3.50 7.71
N PHE A 231 4.22 -3.66 6.71
CA PHE A 231 3.91 -3.43 5.30
C PHE A 231 3.01 -4.53 4.69
N THR A 232 2.86 -5.69 5.36
CA THR A 232 1.94 -6.73 4.91
C THR A 232 0.55 -6.44 5.51
N TYR A 233 0.48 -5.50 6.48
CA TYR A 233 -0.73 -5.11 7.23
C TYR A 233 -1.30 -6.31 8.00
N ILE A 234 -0.40 -7.25 8.36
CA ILE A 234 -0.62 -8.50 9.10
C ILE A 234 -1.58 -9.43 8.35
N GLU A 235 -1.48 -9.47 7.02
CA GLU A 235 -2.33 -10.34 6.18
C GLU A 235 -1.94 -11.79 6.53
N LYS A 236 -2.90 -12.62 7.02
CA LYS A 236 -2.64 -13.99 7.50
C LYS A 236 -1.80 -14.84 6.55
N SER A 237 -2.12 -14.82 5.24
CA SER A 237 -1.37 -15.59 4.25
C SER A 237 0.08 -15.11 4.06
N LYS A 238 0.32 -13.81 4.30
CA LYS A 238 1.62 -13.13 4.10
C LYS A 238 2.56 -13.10 5.33
N SER A 239 2.20 -13.75 6.46
CA SER A 239 3.01 -13.78 7.68
C SER A 239 4.40 -14.39 7.50
N PRO A 240 5.45 -13.97 8.26
CA PRO A 240 6.76 -14.63 8.11
C PRO A 240 6.67 -16.18 8.23
N PRO A 241 6.00 -16.81 9.25
CA PRO A 241 5.85 -18.28 9.21
C PRO A 241 5.25 -18.86 7.93
N ALA A 242 4.12 -18.27 7.44
CA ALA A 242 3.44 -18.73 6.23
C ALA A 242 4.29 -18.58 4.98
N GLU A 243 4.99 -17.44 4.83
CA GLU A 243 5.85 -17.19 3.68
C GLU A 243 7.08 -18.09 3.68
N PHE A 244 7.70 -18.32 4.85
CA PHE A 244 8.85 -19.20 4.98
C PHE A 244 8.47 -20.67 4.81
N MET A 245 7.35 -21.12 5.45
CA MET A 245 6.84 -22.50 5.33
C MET A 245 6.50 -22.86 3.91
N ARG A 246 6.04 -21.88 3.11
CA ARG A 246 5.74 -22.04 1.69
C ARG A 246 7.06 -22.25 0.96
N MET A 247 8.10 -21.45 1.30
CA MET A 247 9.45 -21.51 0.71
C MET A 247 10.18 -22.81 1.05
N ILE A 248 10.03 -23.30 2.29
CA ILE A 248 10.66 -24.52 2.80
C ILE A 248 9.92 -25.77 2.36
N GLY A 249 8.59 -25.72 2.41
CA GLY A 249 7.69 -26.81 2.08
C GLY A 249 6.84 -27.14 3.28
N ASN A 250 5.51 -27.16 3.14
CA ASN A 250 4.59 -27.45 4.24
C ASN A 250 4.65 -28.93 4.68
N ASP A 251 5.33 -29.77 3.87
CA ASP A 251 5.58 -31.19 4.12
C ASP A 251 6.61 -31.38 5.25
N LYS A 252 7.58 -30.42 5.35
CA LYS A 252 8.66 -30.39 6.34
C LYS A 252 8.07 -30.18 7.72
N GLN A 253 8.40 -31.07 8.66
CA GLN A 253 7.88 -31.04 10.03
C GLN A 253 8.97 -31.30 11.07
N GLY A 254 8.73 -30.80 12.27
CA GLY A 254 9.62 -30.94 13.42
C GLY A 254 10.95 -30.22 13.30
N GLN A 255 12.04 -30.88 13.74
CA GLN A 255 13.40 -30.35 13.72
C GLN A 255 13.91 -30.00 12.31
N MET A 256 13.20 -30.51 11.28
CA MET A 256 13.55 -30.29 9.88
C MET A 256 13.29 -28.86 9.42
N ILE A 257 12.25 -28.21 9.99
CA ILE A 257 11.87 -26.83 9.66
C ILE A 257 13.04 -25.88 9.95
N VAL A 258 13.68 -25.99 11.15
CA VAL A 258 14.83 -25.16 11.51
C VAL A 258 15.99 -25.37 10.54
N PHE A 259 16.27 -26.65 10.19
CA PHE A 259 17.33 -27.10 9.26
C PHE A 259 17.23 -26.47 7.85
N HIS A 260 16.03 -26.55 7.25
CA HIS A 260 15.78 -26.01 5.92
C HIS A 260 15.72 -24.49 5.95
N LEU A 261 15.28 -23.89 7.09
CA LEU A 261 15.25 -22.44 7.24
C LEU A 261 16.68 -21.93 7.23
N ILE A 262 17.59 -22.64 7.95
CA ILE A 262 19.01 -22.32 8.01
C ILE A 262 19.62 -22.34 6.63
N GLU A 263 19.26 -23.35 5.83
CA GLU A 263 19.74 -23.54 4.47
C GLU A 263 19.18 -22.51 3.52
N LEU A 264 17.91 -22.14 3.73
CA LEU A 264 17.21 -21.12 2.93
C LEU A 264 17.92 -19.77 3.12
N LEU A 265 18.10 -19.35 4.39
CA LEU A 265 18.76 -18.10 4.74
C LEU A 265 20.22 -18.04 4.27
N LYS A 266 20.94 -19.18 4.33
CA LYS A 266 22.32 -19.34 3.89
C LYS A 266 22.41 -19.15 2.36
N ASN A 267 21.38 -19.60 1.62
CA ASN A 267 21.31 -19.47 0.16
C ASN A 267 20.58 -18.20 -0.27
N ASN A 268 20.50 -17.22 0.65
CA ASN A 268 19.89 -15.89 0.52
C ASN A 268 18.39 -15.92 0.11
N GLY A 269 17.69 -16.95 0.60
CA GLY A 269 16.24 -17.05 0.51
C GLY A 269 15.71 -16.04 1.52
N ARG A 270 14.81 -15.16 1.05
CA ARG A 270 14.29 -14.05 1.86
C ARG A 270 12.80 -13.85 1.69
N LEU A 271 12.18 -13.15 2.68
CA LEU A 271 10.76 -12.80 2.66
C LEU A 271 10.48 -11.88 1.44
N PRO A 272 9.37 -12.07 0.68
CA PRO A 272 9.15 -11.23 -0.51
C PRO A 272 8.82 -9.79 -0.16
N ARG A 273 8.83 -8.91 -1.16
CA ARG A 273 8.47 -7.51 -0.93
C ARG A 273 6.95 -7.46 -0.69
N PRO A 274 6.47 -6.97 0.48
CA PRO A 274 5.01 -6.88 0.69
C PRO A 274 4.31 -6.05 -0.38
N ASP A 275 3.06 -6.44 -0.74
CA ASP A 275 2.24 -5.77 -1.75
C ASP A 275 2.10 -4.29 -1.43
N GLY A 276 2.45 -3.47 -2.42
CA GLY A 276 2.42 -2.01 -2.35
C GLY A 276 3.62 -1.36 -1.70
N CYS A 277 4.51 -2.17 -1.07
CA CYS A 277 5.71 -1.66 -0.40
C CYS A 277 6.67 -1.00 -1.38
N PRO A 278 7.06 0.29 -1.09
CA PRO A 278 8.03 0.97 -1.98
C PRO A 278 9.39 0.29 -1.89
N ASP A 279 10.15 0.29 -2.99
CA ASP A 279 11.46 -0.36 -3.08
C ASP A 279 12.47 0.13 -2.04
N GLU A 280 12.47 1.44 -1.70
CA GLU A 280 13.34 2.05 -0.67
C GLU A 280 13.09 1.51 0.78
N ILE A 281 11.81 1.09 1.11
CA ILE A 281 11.42 0.47 2.40
C ILE A 281 11.86 -1.01 2.37
N TYR A 282 11.68 -1.70 1.23
CA TYR A 282 12.12 -3.09 1.09
C TYR A 282 13.63 -3.22 1.16
N MET A 283 14.37 -2.19 0.74
CA MET A 283 15.81 -2.15 0.77
C MET A 283 16.29 -2.14 2.21
N ILE A 284 15.54 -1.44 3.09
CA ILE A 284 15.80 -1.31 4.53
C ILE A 284 15.72 -2.69 5.16
N MET A 285 14.70 -3.45 4.76
CA MET A 285 14.39 -4.82 5.19
C MET A 285 15.51 -5.76 4.83
N THR A 286 15.86 -5.80 3.54
CA THR A 286 16.90 -6.70 3.01
C THR A 286 18.29 -6.40 3.60
N GLU A 287 18.57 -5.14 3.96
CA GLU A 287 19.84 -4.71 4.55
C GLU A 287 19.98 -5.20 6.00
N CYS A 288 18.83 -5.29 6.71
CA CYS A 288 18.75 -5.81 8.08
C CYS A 288 18.95 -7.31 7.97
N TRP A 289 18.47 -7.92 6.86
CA TRP A 289 18.58 -9.36 6.63
C TRP A 289 19.89 -9.77 5.95
N ASN A 290 21.00 -9.15 6.32
CA ASN A 290 22.28 -9.56 5.79
C ASN A 290 22.80 -10.75 6.61
N ASN A 291 23.32 -11.79 5.93
CA ASN A 291 23.92 -12.93 6.60
C ASN A 291 25.16 -12.49 7.39
N ASN A 292 25.88 -11.44 6.92
CA ASN A 292 27.06 -10.87 7.59
C ASN A 292 26.56 -9.92 8.65
N VAL A 293 26.68 -10.35 9.90
CA VAL A 293 26.25 -9.64 11.09
C VAL A 293 26.77 -8.20 11.15
N ASN A 294 28.03 -8.03 10.71
CA ASN A 294 28.73 -6.76 10.76
C ASN A 294 28.26 -5.77 9.71
N GLN A 295 27.63 -6.22 8.57
CA GLN A 295 27.17 -5.31 7.52
CA GLN A 295 27.14 -5.37 7.47
C GLN A 295 25.67 -4.95 7.67
N ARG A 296 25.09 -5.25 8.85
CA ARG A 296 23.72 -4.89 9.14
C ARG A 296 23.72 -3.44 9.65
N PRO A 297 22.66 -2.63 9.30
CA PRO A 297 22.61 -1.24 9.78
C PRO A 297 22.51 -1.15 11.29
N SER A 298 22.68 0.06 11.80
CA SER A 298 22.54 0.33 13.23
C SER A 298 21.13 0.88 13.39
N PHE A 299 20.61 0.92 14.65
CA PHE A 299 19.28 1.48 14.91
C PHE A 299 19.27 2.98 14.69
N ARG A 300 20.41 3.65 14.94
CA ARG A 300 20.56 5.09 14.70
C ARG A 300 20.53 5.41 13.22
N ASP A 301 21.16 4.56 12.37
CA ASP A 301 21.13 4.74 10.94
C ASP A 301 19.78 4.39 10.34
N LEU A 302 19.11 3.34 10.88
CA LEU A 302 17.76 2.91 10.48
C LEU A 302 16.78 4.03 10.73
N ALA A 303 16.86 4.68 11.92
CA ALA A 303 16.01 5.82 12.33
C ALA A 303 16.14 6.99 11.34
N LEU A 304 17.38 7.40 11.01
CA LEU A 304 17.69 8.48 10.06
C LEU A 304 17.08 8.22 8.69
N ARG A 305 17.22 6.99 8.18
CA ARG A 305 16.69 6.58 6.89
C ARG A 305 15.19 6.61 6.83
N VAL A 306 14.52 6.00 7.84
CA VAL A 306 13.06 5.96 7.97
C VAL A 306 12.55 7.40 8.06
N ASP A 307 13.19 8.26 8.88
CA ASP A 307 12.81 9.68 9.02
C ASP A 307 13.00 10.48 7.72
N GLN A 308 14.08 10.19 6.95
CA GLN A 308 14.39 10.82 5.67
C GLN A 308 13.29 10.46 4.67
N ILE A 309 12.90 9.16 4.61
CA ILE A 309 11.84 8.67 3.73
C ILE A 309 10.49 9.29 4.11
N ARG A 310 10.20 9.42 5.42
CA ARG A 310 8.99 10.05 5.97
C ARG A 310 8.89 11.48 5.49
N ASP A 311 9.96 12.28 5.70
CA ASP A 311 10.09 13.68 5.30
C ASP A 311 9.95 13.86 3.77
N ASN A 312 10.43 12.91 2.96
CA ASN A 312 10.28 12.97 1.51
C ASN A 312 8.80 12.78 1.15
N MET A 313 8.13 11.79 1.77
CA MET A 313 6.70 11.48 1.56
C MET A 313 5.80 12.66 1.96
N ALA A 314 6.16 13.37 3.03
CA ALA A 314 5.48 14.56 3.54
C ALA A 314 5.75 15.81 2.68
N HIS B 20 0.00 37.50 -31.36
CA HIS B 20 -1.35 37.19 -30.95
C HIS B 20 -2.17 38.47 -30.57
N MET B 21 -2.90 39.06 -31.55
CA MET B 21 -3.74 40.21 -31.26
C MET B 21 -5.05 39.67 -30.68
N ARG B 22 -5.63 38.64 -31.36
CA ARG B 22 -6.82 37.88 -30.95
C ARG B 22 -6.32 36.55 -30.38
N ASP B 23 -6.75 36.23 -29.14
CA ASP B 23 -6.37 35.03 -28.38
C ASP B 23 -6.50 33.70 -29.16
N PRO B 24 -5.36 32.97 -29.39
CA PRO B 24 -5.41 31.68 -30.12
C PRO B 24 -6.19 30.55 -29.43
N THR B 25 -6.44 30.69 -28.12
CA THR B 25 -7.20 29.84 -27.23
C THR B 25 -8.72 30.01 -27.52
N GLN B 26 -9.11 31.11 -28.18
CA GLN B 26 -10.50 31.39 -28.54
C GLN B 26 -10.69 31.06 -30.02
N PHE B 27 -11.52 30.04 -30.31
CA PHE B 27 -11.78 29.56 -31.67
C PHE B 27 -13.11 30.11 -32.23
N GLU B 28 -13.07 30.71 -33.44
CA GLU B 28 -14.31 31.25 -34.02
C GLU B 28 -15.02 30.13 -34.74
N GLU B 29 -16.27 29.87 -34.34
CA GLU B 29 -17.10 28.81 -34.89
C GLU B 29 -17.16 28.79 -36.39
N ARG B 30 -17.28 29.98 -37.02
CA ARG B 30 -17.36 30.14 -38.47
C ARG B 30 -16.15 29.59 -39.25
N HIS B 31 -14.98 29.40 -38.59
CA HIS B 31 -13.79 28.87 -39.27
C HIS B 31 -13.44 27.43 -38.89
N LEU B 32 -14.25 26.79 -38.07
CA LEU B 32 -14.08 25.43 -37.64
C LEU B 32 -14.86 24.58 -38.63
N LYS B 33 -14.15 24.02 -39.62
CA LYS B 33 -14.69 23.20 -40.70
C LYS B 33 -14.76 21.75 -40.26
N PHE B 34 -15.95 21.14 -40.35
CA PHE B 34 -16.18 19.76 -39.96
C PHE B 34 -15.63 18.80 -40.99
N LEU B 35 -14.81 17.84 -40.53
CA LEU B 35 -14.24 16.80 -41.39
C LEU B 35 -14.94 15.47 -41.12
N GLN B 36 -14.86 14.94 -39.89
CA GLN B 36 -15.55 13.69 -39.55
C GLN B 36 -15.79 13.52 -38.05
N GLN B 37 -16.59 12.50 -37.70
CA GLN B 37 -16.90 12.15 -36.32
C GLN B 37 -15.83 11.18 -35.83
N LEU B 38 -15.13 11.54 -34.74
CA LEU B 38 -14.08 10.73 -34.13
C LEU B 38 -14.63 9.79 -33.04
N GLY B 39 -15.76 10.17 -32.45
CA GLY B 39 -16.39 9.35 -31.43
C GLY B 39 -17.60 9.95 -30.77
N LYS B 40 -18.40 9.08 -30.15
CA LYS B 40 -19.61 9.39 -29.39
C LYS B 40 -19.43 8.91 -27.95
N GLY B 41 -20.15 9.56 -27.04
CA GLY B 41 -20.12 9.29 -25.61
C GLY B 41 -21.50 9.33 -24.99
N ASN B 42 -21.58 9.10 -23.67
CA ASN B 42 -22.84 9.08 -22.94
C ASN B 42 -23.57 10.42 -23.02
N PHE B 43 -22.82 11.55 -22.95
CA PHE B 43 -23.39 12.92 -22.94
C PHE B 43 -22.75 13.88 -23.94
N GLY B 44 -21.93 13.35 -24.84
CA GLY B 44 -21.28 14.19 -25.84
C GLY B 44 -20.66 13.45 -27.00
N SER B 45 -19.85 14.18 -27.79
CA SER B 45 -19.15 13.67 -28.97
C SER B 45 -17.87 14.45 -29.28
N VAL B 46 -16.96 13.80 -30.03
CA VAL B 46 -15.69 14.36 -30.50
C VAL B 46 -15.64 14.31 -32.03
N GLU B 47 -15.36 15.46 -32.64
CA GLU B 47 -15.28 15.63 -34.08
C GLU B 47 -13.88 16.05 -34.53
N MET B 48 -13.52 15.66 -35.75
CA MET B 48 -12.29 16.06 -36.43
C MET B 48 -12.67 17.27 -37.26
N CYS B 49 -12.01 18.41 -37.00
CA CYS B 49 -12.25 19.66 -37.70
C CYS B 49 -10.97 20.23 -38.26
N ARG B 50 -11.08 21.25 -39.12
CA ARG B 50 -9.93 21.98 -39.57
C ARG B 50 -10.19 23.42 -39.25
N TYR B 51 -9.34 24.03 -38.44
CA TYR B 51 -9.49 25.43 -38.16
C TYR B 51 -8.84 26.20 -39.31
N ASP B 52 -9.67 26.57 -40.29
CA ASP B 52 -9.27 27.26 -41.51
C ASP B 52 -9.84 28.66 -41.62
N PRO B 53 -9.23 29.67 -40.94
CA PRO B 53 -9.73 31.04 -41.10
C PRO B 53 -9.53 31.57 -42.51
N LEU B 54 -8.47 31.16 -43.20
CA LEU B 54 -8.11 31.63 -44.54
C LEU B 54 -8.85 30.96 -45.67
N GLN B 55 -9.65 29.89 -45.37
CA GLN B 55 -10.44 29.12 -46.35
C GLN B 55 -9.58 28.47 -47.49
N ASP B 56 -8.25 28.41 -47.29
CA ASP B 56 -7.27 27.86 -48.24
C ASP B 56 -6.74 26.46 -47.89
N ASN B 57 -7.29 25.80 -46.84
CA ASN B 57 -6.95 24.46 -46.30
C ASN B 57 -5.58 24.34 -45.64
N THR B 58 -4.95 25.49 -45.29
CA THR B 58 -3.65 25.60 -44.64
C THR B 58 -3.84 25.59 -43.10
N GLY B 59 -5.09 25.56 -42.66
CA GLY B 59 -5.44 25.52 -41.25
C GLY B 59 -5.11 24.19 -40.59
N GLU B 60 -4.90 24.22 -39.28
CA GLU B 60 -4.56 23.05 -38.48
C GLU B 60 -5.77 22.15 -38.25
N VAL B 61 -5.55 20.82 -38.23
CA VAL B 61 -6.59 19.84 -37.94
C VAL B 61 -6.60 19.64 -36.42
N VAL B 62 -7.78 19.77 -35.82
CA VAL B 62 -7.99 19.67 -34.39
C VAL B 62 -9.11 18.72 -34.04
N ALA B 63 -9.18 18.30 -32.77
CA ALA B 63 -10.28 17.49 -32.25
C ALA B 63 -11.17 18.44 -31.41
N VAL B 64 -12.49 18.36 -31.62
CA VAL B 64 -13.49 19.21 -30.96
C VAL B 64 -14.44 18.38 -30.12
N LYS B 65 -14.47 18.60 -28.80
CA LYS B 65 -15.39 17.92 -27.90
C LYS B 65 -16.58 18.85 -27.58
N LYS B 66 -17.79 18.36 -27.84
CA LYS B 66 -19.04 19.07 -27.59
C LYS B 66 -19.99 18.22 -26.72
N LEU B 67 -20.93 18.89 -26.02
CA LEU B 67 -21.97 18.23 -25.21
C LEU B 67 -23.22 17.91 -26.07
N GLN B 68 -23.88 16.80 -25.79
CA GLN B 68 -25.08 16.39 -26.52
C GLN B 68 -26.28 16.37 -25.61
N HIS B 69 -26.06 16.63 -24.32
CA HIS B 69 -27.09 16.67 -23.30
C HIS B 69 -26.64 17.77 -22.36
N SER B 70 -26.85 19.01 -22.79
CA SER B 70 -26.42 20.18 -22.06
C SER B 70 -27.31 20.57 -20.90
N THR B 71 -27.41 19.68 -19.88
CA THR B 71 -28.12 20.02 -18.63
C THR B 71 -27.20 21.01 -17.88
N GLU B 72 -27.66 21.62 -16.79
CA GLU B 72 -26.81 22.56 -16.05
C GLU B 72 -25.65 21.83 -15.35
N GLU B 73 -25.89 20.57 -14.95
CA GLU B 73 -24.92 19.67 -14.31
C GLU B 73 -23.78 19.36 -15.27
N HIS B 74 -24.15 18.98 -16.51
CA HIS B 74 -23.20 18.64 -17.56
C HIS B 74 -22.41 19.84 -18.02
N LEU B 75 -23.07 21.03 -18.08
CA LEU B 75 -22.40 22.28 -18.47
C LEU B 75 -21.36 22.71 -17.43
N ARG B 76 -21.70 22.60 -16.15
CA ARG B 76 -20.81 22.96 -15.04
C ARG B 76 -19.59 22.03 -14.99
N ASP B 77 -19.81 20.72 -15.24
CA ASP B 77 -18.80 19.66 -15.27
C ASP B 77 -17.86 19.86 -16.44
N PHE B 78 -18.42 20.22 -17.61
CA PHE B 78 -17.65 20.47 -18.83
C PHE B 78 -16.73 21.66 -18.66
N GLU B 79 -17.19 22.73 -17.98
CA GLU B 79 -16.35 23.92 -17.71
C GLU B 79 -15.20 23.60 -16.77
N ARG B 80 -15.43 22.73 -15.76
CA ARG B 80 -14.38 22.26 -14.84
C ARG B 80 -13.41 21.32 -15.58
N GLU B 81 -13.96 20.46 -16.49
CA GLU B 81 -13.18 19.54 -17.33
C GLU B 81 -12.24 20.35 -18.24
N ILE B 82 -12.75 21.44 -18.84
CA ILE B 82 -11.94 22.33 -19.67
C ILE B 82 -10.79 22.96 -18.86
N GLU B 83 -11.09 23.38 -17.60
CA GLU B 83 -10.09 23.99 -16.71
C GLU B 83 -9.04 22.98 -16.26
N ILE B 84 -9.47 21.71 -16.06
CA ILE B 84 -8.60 20.62 -15.70
C ILE B 84 -7.57 20.41 -16.84
N LEU B 85 -8.02 20.22 -18.09
CA LEU B 85 -7.14 20.01 -19.24
C LEU B 85 -6.24 21.22 -19.52
N LYS B 86 -6.80 22.46 -19.46
CA LYS B 86 -6.04 23.71 -19.63
C LYS B 86 -4.81 23.72 -18.69
N SER B 87 -4.99 23.22 -17.46
CA SER B 87 -3.97 23.16 -16.41
C SER B 87 -2.95 22.00 -16.53
N LEU B 88 -3.18 21.08 -17.48
CA LEU B 88 -2.28 19.94 -17.65
C LEU B 88 -1.35 20.14 -18.81
N GLN B 89 -0.01 20.07 -18.55
CA GLN B 89 1.05 20.21 -19.55
C GLN B 89 2.04 19.04 -19.35
N HIS B 90 1.87 17.97 -20.17
CA HIS B 90 2.66 16.76 -20.10
C HIS B 90 2.67 16.07 -21.45
N ASP B 91 3.76 15.35 -21.75
CA ASP B 91 3.95 14.62 -23.01
C ASP B 91 2.95 13.49 -23.23
N ASN B 92 2.42 12.93 -22.14
CA ASN B 92 1.49 11.80 -22.16
C ASN B 92 0.10 12.19 -21.69
N ILE B 93 -0.29 13.41 -22.04
CA ILE B 93 -1.57 14.06 -21.78
C ILE B 93 -1.87 14.88 -23.01
N VAL B 94 -3.03 14.59 -23.66
CA VAL B 94 -3.51 15.27 -24.88
C VAL B 94 -3.45 16.80 -24.66
N LYS B 95 -2.90 17.53 -25.65
CA LYS B 95 -2.80 18.99 -25.57
C LYS B 95 -4.12 19.70 -25.76
N TYR B 96 -4.38 20.64 -24.87
CA TYR B 96 -5.49 21.58 -24.91
C TYR B 96 -5.08 22.68 -25.91
N LYS B 97 -5.99 23.08 -26.81
CA LYS B 97 -5.73 24.16 -27.77
C LYS B 97 -6.61 25.40 -27.47
N GLY B 98 -7.83 25.17 -26.96
CA GLY B 98 -8.74 26.26 -26.62
C GLY B 98 -10.22 25.90 -26.51
N VAL B 99 -11.07 26.93 -26.58
CA VAL B 99 -12.54 26.82 -26.52
C VAL B 99 -13.24 27.52 -27.67
N CYS B 100 -14.49 27.11 -27.89
CA CYS B 100 -15.35 27.66 -28.90
C CYS B 100 -16.69 27.94 -28.28
N TYR B 101 -17.12 29.18 -28.38
CA TYR B 101 -18.42 29.66 -27.91
C TYR B 101 -19.24 30.13 -29.13
N SER B 102 -20.45 30.64 -28.88
CA SER B 102 -21.43 31.20 -29.82
C SER B 102 -22.62 31.64 -28.95
N ALA B 103 -22.74 30.94 -27.82
CA ALA B 103 -23.68 31.13 -26.73
C ALA B 103 -22.86 30.75 -25.49
N GLY B 104 -22.58 31.77 -24.67
CA GLY B 104 -21.79 31.66 -23.45
C GLY B 104 -22.23 30.55 -22.52
N ARG B 105 -21.62 29.35 -22.70
CA ARG B 105 -21.91 28.10 -21.97
C ARG B 105 -23.35 27.64 -22.26
N ARG B 106 -23.51 27.01 -23.44
CA ARG B 106 -24.74 26.44 -24.00
C ARG B 106 -24.32 25.71 -25.28
N ASN B 107 -23.42 26.36 -26.07
CA ASN B 107 -22.85 25.84 -27.30
C ASN B 107 -21.33 25.71 -27.22
N LEU B 108 -20.82 25.70 -25.97
CA LEU B 108 -19.41 25.61 -25.59
C LEU B 108 -18.70 24.28 -26.05
N LYS B 109 -17.56 24.42 -26.73
CA LYS B 109 -16.77 23.32 -27.27
C LYS B 109 -15.31 23.37 -26.76
N LEU B 110 -14.66 22.20 -26.62
CA LEU B 110 -13.28 22.02 -26.17
C LEU B 110 -12.44 21.63 -27.37
N ILE B 111 -11.42 22.46 -27.70
CA ILE B 111 -10.48 22.24 -28.82
C ILE B 111 -9.20 21.63 -28.27
N MET B 112 -8.84 20.46 -28.79
CA MET B 112 -7.62 19.73 -28.43
C MET B 112 -6.86 19.39 -29.69
N GLU B 113 -5.61 18.98 -29.54
CA GLU B 113 -4.78 18.53 -30.69
C GLU B 113 -5.37 17.25 -31.30
N TYR B 114 -5.14 17.07 -32.59
CA TYR B 114 -5.59 15.86 -33.27
C TYR B 114 -4.50 14.79 -33.18
N LEU B 115 -4.85 13.62 -32.67
CA LEU B 115 -3.99 12.44 -32.56
C LEU B 115 -4.50 11.44 -33.61
N PRO B 116 -3.70 11.25 -34.69
CA PRO B 116 -4.17 10.47 -35.85
C PRO B 116 -4.55 9.00 -35.68
N TYR B 117 -3.91 8.26 -34.75
CA TYR B 117 -4.11 6.82 -34.63
C TYR B 117 -5.25 6.35 -33.71
N GLY B 118 -5.94 7.30 -33.06
CA GLY B 118 -7.09 7.01 -32.21
C GLY B 118 -6.80 6.30 -30.91
N SER B 119 -7.81 5.60 -30.34
CA SER B 119 -7.62 4.94 -29.05
C SER B 119 -6.63 3.79 -29.05
N LEU B 120 -5.95 3.59 -27.91
CA LEU B 120 -5.02 2.49 -27.71
C LEU B 120 -5.78 1.14 -27.77
N ARG B 121 -7.11 1.13 -27.43
CA ARG B 121 -7.97 -0.06 -27.45
C ARG B 121 -8.16 -0.58 -28.89
N ASP B 122 -8.45 0.34 -29.84
CA ASP B 122 -8.62 0.01 -31.24
C ASP B 122 -7.27 -0.22 -31.94
N TYR B 123 -6.24 0.60 -31.61
CA TYR B 123 -4.87 0.49 -32.15
C TYR B 123 -4.18 -0.85 -31.82
N LEU B 124 -4.27 -1.29 -30.56
CA LEU B 124 -3.66 -2.54 -30.10
C LEU B 124 -4.16 -3.77 -30.83
N GLN B 125 -5.48 -3.81 -31.15
CA GLN B 125 -6.14 -4.89 -31.92
C GLN B 125 -5.59 -4.97 -33.36
N LYS B 126 -5.58 -3.84 -34.08
CA LYS B 126 -5.12 -3.72 -35.47
C LYS B 126 -3.63 -4.11 -35.65
N HIS B 127 -2.76 -3.70 -34.71
CA HIS B 127 -1.31 -3.85 -34.78
C HIS B 127 -0.67 -4.87 -33.81
N LYS B 128 -1.44 -5.78 -33.20
CA LYS B 128 -0.92 -6.76 -32.23
C LYS B 128 0.29 -7.57 -32.71
N GLU B 129 0.35 -7.93 -34.01
CA GLU B 129 1.45 -8.73 -34.58
C GLU B 129 2.81 -8.04 -34.48
N ARG B 130 2.83 -6.68 -34.46
CA ARG B 130 4.02 -5.84 -34.35
C ARG B 130 4.20 -5.18 -32.98
N ILE B 131 3.21 -5.32 -32.07
CA ILE B 131 3.34 -4.77 -30.71
C ILE B 131 3.76 -5.88 -29.78
N ASP B 132 5.01 -5.83 -29.31
CA ASP B 132 5.53 -6.84 -28.38
C ASP B 132 5.45 -6.35 -26.92
N HIS B 133 5.72 -7.25 -25.95
CA HIS B 133 5.66 -6.96 -24.51
C HIS B 133 6.49 -5.76 -24.09
N ILE B 134 7.74 -5.65 -24.60
CA ILE B 134 8.58 -4.50 -24.29
C ILE B 134 7.92 -3.17 -24.78
N LYS B 135 7.25 -3.14 -25.97
CA LYS B 135 6.50 -1.99 -26.51
C LYS B 135 5.28 -1.68 -25.63
N LEU B 136 4.53 -2.71 -25.18
CA LEU B 136 3.39 -2.57 -24.26
C LEU B 136 3.87 -1.90 -22.97
N LEU B 137 5.08 -2.26 -22.52
CA LEU B 137 5.72 -1.67 -21.34
C LEU B 137 6.13 -0.25 -21.55
N GLN B 138 6.45 0.15 -22.81
CA GLN B 138 6.77 1.55 -23.16
C GLN B 138 5.50 2.39 -22.95
N TYR B 139 4.34 1.92 -23.50
CA TYR B 139 3.03 2.54 -23.36
C TYR B 139 2.64 2.61 -21.90
N THR B 140 2.78 1.49 -21.15
CA THR B 140 2.50 1.37 -19.70
C THR B 140 3.20 2.47 -18.92
N SER B 141 4.52 2.60 -19.16
CA SER B 141 5.44 3.55 -18.57
C SER B 141 4.95 4.99 -18.76
N GLN B 142 4.59 5.33 -19.99
CA GLN B 142 4.04 6.62 -20.40
C GLN B 142 2.73 6.92 -19.66
N ILE B 143 1.83 5.94 -19.56
CA ILE B 143 0.56 6.07 -18.81
C ILE B 143 0.88 6.41 -17.35
N CYS B 144 1.85 5.72 -16.73
CA CYS B 144 2.27 5.96 -15.34
C CYS B 144 2.82 7.34 -15.13
N LYS B 145 3.63 7.83 -16.07
CA LYS B 145 4.19 9.18 -16.01
C LYS B 145 3.09 10.25 -16.03
N GLY B 146 2.11 10.11 -16.94
CA GLY B 146 0.98 11.02 -17.05
C GLY B 146 0.10 10.98 -15.82
N MET B 147 -0.14 9.78 -15.30
CA MET B 147 -0.93 9.54 -14.09
C MET B 147 -0.28 10.13 -12.83
N GLU B 148 1.06 10.01 -12.72
CA GLU B 148 1.91 10.57 -11.67
C GLU B 148 1.83 12.11 -11.74
N TYR B 149 1.76 12.67 -12.95
CA TYR B 149 1.63 14.12 -13.16
C TYR B 149 0.29 14.62 -12.61
N LEU B 150 -0.79 13.87 -12.86
CA LEU B 150 -2.15 14.14 -12.38
C LEU B 150 -2.20 14.22 -10.84
N GLY B 151 -1.60 13.25 -10.17
CA GLY B 151 -1.54 13.19 -8.71
C GLY B 151 -0.87 14.40 -8.10
N THR B 152 0.17 14.96 -8.79
CA THR B 152 0.87 16.18 -8.34
C THR B 152 -0.10 17.37 -8.26
N LYS B 153 -1.19 17.33 -9.06
CA LYS B 153 -2.21 18.37 -9.17
C LYS B 153 -3.43 18.02 -8.35
N ARG B 154 -3.37 16.84 -7.68
CA ARG B 154 -4.44 16.30 -6.84
C ARG B 154 -5.73 16.02 -7.65
N TYR B 155 -5.54 15.55 -8.90
CA TYR B 155 -6.63 15.22 -9.82
C TYR B 155 -6.84 13.72 -9.83
N ILE B 156 -8.10 13.29 -9.76
CA ILE B 156 -8.45 11.88 -9.79
C ILE B 156 -9.12 11.61 -11.13
N HIS B 157 -8.45 10.81 -11.99
CA HIS B 157 -8.96 10.51 -13.33
C HIS B 157 -10.39 9.91 -13.32
N ARG B 158 -10.60 8.81 -12.56
CA ARG B 158 -11.87 8.11 -12.38
C ARG B 158 -12.35 7.31 -13.59
N ASP B 159 -11.52 7.14 -14.63
CA ASP B 159 -11.94 6.45 -15.85
C ASP B 159 -10.74 6.01 -16.69
N LEU B 160 -9.73 5.39 -16.07
CA LEU B 160 -8.58 4.89 -16.80
C LEU B 160 -9.01 3.61 -17.47
N ALA B 161 -8.98 3.61 -18.80
CA ALA B 161 -9.31 2.47 -19.65
C ALA B 161 -8.55 2.69 -20.91
N THR B 162 -8.17 1.63 -21.65
CA THR B 162 -7.40 1.80 -22.90
C THR B 162 -8.17 2.61 -23.93
N ARG B 163 -9.51 2.61 -23.86
CA ARG B 163 -10.41 3.38 -24.72
C ARG B 163 -10.21 4.89 -24.58
N ASN B 164 -9.70 5.34 -23.42
CA ASN B 164 -9.44 6.74 -23.09
C ASN B 164 -7.99 7.16 -23.25
N ILE B 165 -7.16 6.25 -23.78
CA ILE B 165 -5.75 6.49 -24.08
C ILE B 165 -5.68 6.62 -25.59
N LEU B 166 -5.05 7.68 -26.09
CA LEU B 166 -4.93 7.93 -27.52
C LEU B 166 -3.50 7.75 -27.99
N VAL B 167 -3.35 7.37 -29.26
CA VAL B 167 -2.06 7.11 -29.90
C VAL B 167 -1.62 8.27 -30.82
N GLU B 168 -0.46 8.92 -30.49
CA GLU B 168 0.13 9.99 -31.32
C GLU B 168 0.87 9.33 -32.50
N ASN B 169 1.67 8.30 -32.21
CA ASN B 169 2.44 7.49 -33.16
C ASN B 169 2.71 6.10 -32.53
N GLU B 170 3.46 5.23 -33.19
CA GLU B 170 3.76 3.87 -32.67
C GLU B 170 4.61 3.85 -31.38
N ASN B 171 5.12 5.00 -30.93
CA ASN B 171 5.92 5.05 -29.71
C ASN B 171 5.27 5.83 -28.59
N ARG B 172 4.49 6.87 -28.94
CA ARG B 172 3.86 7.73 -27.97
C ARG B 172 2.32 7.56 -27.88
N VAL B 173 1.85 7.39 -26.65
CA VAL B 173 0.45 7.36 -26.24
C VAL B 173 0.25 8.50 -25.22
N LYS B 174 -0.99 9.04 -25.17
CA LYS B 174 -1.38 10.12 -24.27
C LYS B 174 -2.74 9.82 -23.64
N ILE B 175 -2.97 10.25 -22.40
CA ILE B 175 -4.30 10.14 -21.76
C ILE B 175 -5.14 11.16 -22.53
N GLY B 176 -6.22 10.68 -23.15
CA GLY B 176 -7.02 11.47 -24.07
C GLY B 176 -8.34 12.06 -23.64
N ASP B 177 -8.82 11.74 -22.45
CA ASP B 177 -10.10 12.29 -21.98
C ASP B 177 -10.06 12.47 -20.49
N PHE B 178 -10.74 13.52 -19.97
CA PHE B 178 -10.80 13.85 -18.55
C PHE B 178 -12.22 14.20 -18.12
N GLY B 179 -13.21 13.63 -18.81
CA GLY B 179 -14.64 13.83 -18.56
C GLY B 179 -15.14 13.56 -17.15
N LEU B 180 -14.53 12.55 -16.47
CA LEU B 180 -14.88 12.15 -15.10
C LEU B 180 -13.88 12.66 -14.07
N THR B 181 -12.77 13.33 -14.50
CA THR B 181 -11.71 13.82 -13.61
C THR B 181 -12.26 14.78 -12.58
N LYS B 182 -11.90 14.52 -11.31
CA LYS B 182 -12.33 15.31 -10.15
C LYS B 182 -11.12 15.78 -9.35
N VAL B 183 -11.17 17.01 -8.80
CA VAL B 183 -10.10 17.57 -7.95
C VAL B 183 -10.40 17.18 -6.50
N LEU B 184 -9.39 16.65 -5.80
CA LEU B 184 -9.55 16.27 -4.39
C LEU B 184 -9.86 17.48 -3.50
N PRO B 185 -10.63 17.30 -2.40
CA PRO B 185 -10.79 18.41 -1.44
C PRO B 185 -9.45 18.61 -0.73
N GLN B 186 -9.14 19.84 -0.24
CA GLN B 186 -7.84 20.10 0.42
C GLN B 186 -7.57 19.20 1.66
N ASP B 187 -8.64 18.91 2.39
CA ASP B 187 -8.70 18.14 3.64
C ASP B 187 -8.82 16.63 3.49
N LYS B 188 -9.25 16.14 2.32
CA LYS B 188 -9.45 14.71 2.13
C LYS B 188 -8.57 14.11 1.05
N GLU B 189 -8.34 12.79 1.14
CA GLU B 189 -7.53 12.02 0.20
C GLU B 189 -8.39 11.18 -0.76
N PTR B 190 -9.71 11.34 -0.64
CA PTR B 190 -10.70 10.69 -1.48
C PTR B 190 -11.78 11.72 -1.83
O PTR B 190 -11.85 12.80 -1.24
CB PTR B 190 -11.23 9.27 -1.01
CG PTR B 190 -12.04 9.48 0.22
CD1 PTR B 190 -11.43 9.29 1.46
CD2 PTR B 190 -13.40 9.91 0.14
CE1 PTR B 190 -12.16 9.53 2.62
CE2 PTR B 190 -14.15 10.17 1.31
CZ PTR B 190 -13.54 9.94 2.56
OH PTR B 190 -14.29 10.21 3.69
P PTR B 190 -14.67 9.02 4.63
O1P PTR B 190 -13.46 8.55 5.49
O2P PTR B 190 -15.77 9.69 5.49
O3P PTR B 190 -15.32 7.77 3.92
N PTR B 191 -12.63 11.34 -2.78
CA PTR B 191 -13.74 12.14 -3.24
C PTR B 191 -14.89 11.20 -3.51
O PTR B 191 -14.73 10.23 -4.25
CB PTR B 191 -13.25 12.89 -4.48
CG PTR B 191 -14.17 13.91 -5.11
CD1 PTR B 191 -15.34 13.52 -5.81
CD2 PTR B 191 -13.81 15.27 -5.05
CE1 PTR B 191 -16.18 14.43 -6.42
CE2 PTR B 191 -14.64 16.23 -5.70
CZ PTR B 191 -15.84 15.80 -6.36
OH PTR B 191 -16.61 16.73 -7.06
P PTR B 191 -17.94 17.31 -6.58
O1P PTR B 191 -17.78 18.12 -5.27
O2P PTR B 191 -18.31 18.15 -7.81
O3P PTR B 191 -19.01 16.15 -6.62
N LYS B 192 -16.05 11.47 -2.87
CA LYS B 192 -17.29 10.69 -3.06
C LYS B 192 -18.11 11.39 -4.15
N VAL B 193 -18.37 10.71 -5.28
CA VAL B 193 -19.11 11.38 -6.35
C VAL B 193 -20.59 11.04 -6.25
N LYS B 194 -21.45 12.10 -6.17
CA LYS B 194 -22.90 11.97 -6.10
C LYS B 194 -23.45 11.50 -7.43
N GLU B 195 -22.77 11.90 -8.51
CA GLU B 195 -23.08 11.56 -9.90
C GLU B 195 -23.05 10.04 -10.12
N PRO B 196 -24.22 9.42 -10.40
CA PRO B 196 -24.22 8.00 -10.73
C PRO B 196 -23.59 7.84 -12.13
N GLY B 197 -24.42 7.98 -13.19
CA GLY B 197 -24.00 7.83 -14.58
C GLY B 197 -23.69 6.38 -14.94
N GLU B 198 -23.66 6.07 -16.27
CA GLU B 198 -23.37 4.71 -16.74
C GLU B 198 -21.88 4.47 -16.42
N SER B 199 -21.62 3.81 -15.27
CA SER B 199 -20.28 3.67 -14.73
C SER B 199 -19.46 2.48 -15.24
N PRO B 200 -18.14 2.69 -15.50
CA PRO B 200 -17.28 1.55 -15.92
C PRO B 200 -16.91 0.65 -14.72
N ILE B 201 -17.93 -0.05 -14.19
CA ILE B 201 -17.87 -0.88 -12.99
C ILE B 201 -16.80 -1.98 -13.01
N PHE B 202 -16.44 -2.49 -14.20
CA PHE B 202 -15.45 -3.57 -14.31
C PHE B 202 -13.99 -3.06 -14.27
N TRP B 203 -13.80 -1.72 -14.16
CA TRP B 203 -12.52 -1.05 -14.00
C TRP B 203 -12.43 -0.41 -12.59
N TYR B 204 -13.57 -0.37 -11.84
CA TYR B 204 -13.72 0.25 -10.51
C TYR B 204 -13.14 -0.55 -9.35
N ALA B 205 -12.47 0.17 -8.41
CA ALA B 205 -11.93 -0.40 -7.16
C ALA B 205 -13.11 -0.84 -6.26
N PRO B 206 -12.96 -1.76 -5.28
CA PRO B 206 -14.12 -2.13 -4.45
C PRO B 206 -14.77 -0.94 -3.74
N GLU B 207 -13.97 -0.05 -3.13
CA GLU B 207 -14.47 1.12 -2.42
C GLU B 207 -15.22 2.11 -3.34
N SER B 208 -14.92 2.08 -4.67
CA SER B 208 -15.62 2.93 -5.65
C SER B 208 -16.99 2.33 -5.94
N LEU B 209 -17.04 1.02 -5.98
CA LEU B 209 -18.21 0.23 -6.22
C LEU B 209 -19.20 0.27 -5.03
N THR B 210 -18.71 0.18 -3.77
CA THR B 210 -19.53 0.19 -2.55
C THR B 210 -19.83 1.58 -2.00
N GLU B 211 -18.81 2.43 -1.88
CA GLU B 211 -18.94 3.73 -1.23
C GLU B 211 -18.82 4.93 -2.15
N SER B 212 -18.52 4.69 -3.46
CA SER B 212 -18.32 5.74 -4.48
C SER B 212 -17.09 6.65 -4.16
N LYS B 213 -16.11 6.12 -3.39
CA LYS B 213 -14.88 6.79 -3.04
C LYS B 213 -13.88 6.63 -4.16
N PHE B 214 -13.39 7.77 -4.65
CA PHE B 214 -12.40 7.86 -5.72
C PHE B 214 -11.17 8.53 -5.15
N SER B 215 -10.00 7.91 -5.39
CA SER B 215 -8.70 8.38 -4.90
C SER B 215 -7.64 8.05 -5.92
N VAL B 216 -6.37 8.42 -5.63
CA VAL B 216 -5.21 8.04 -6.44
C VAL B 216 -5.17 6.50 -6.44
N ALA B 217 -5.46 5.88 -5.28
CA ALA B 217 -5.49 4.42 -5.11
C ALA B 217 -6.57 3.68 -5.92
N SER B 218 -7.74 4.32 -6.23
CA SER B 218 -8.75 3.68 -7.09
C SER B 218 -8.27 3.80 -8.56
N ASP B 219 -7.54 4.90 -8.90
CA ASP B 219 -6.90 5.12 -10.20
C ASP B 219 -5.85 4.07 -10.48
N VAL B 220 -5.07 3.67 -9.43
CA VAL B 220 -4.05 2.59 -9.45
C VAL B 220 -4.74 1.26 -9.72
N TRP B 221 -5.86 0.98 -9.02
CA TRP B 221 -6.66 -0.23 -9.25
C TRP B 221 -7.04 -0.28 -10.76
N SER B 222 -7.62 0.81 -11.29
CA SER B 222 -8.03 0.96 -12.69
C SER B 222 -6.84 0.86 -13.63
N PHE B 223 -5.65 1.30 -13.20
CA PHE B 223 -4.41 1.16 -13.98
C PHE B 223 -4.08 -0.34 -14.21
N GLY B 224 -4.25 -1.18 -13.18
CA GLY B 224 -4.01 -2.61 -13.24
C GLY B 224 -4.91 -3.27 -14.26
N VAL B 225 -6.14 -2.71 -14.40
CA VAL B 225 -7.12 -3.18 -15.39
C VAL B 225 -6.65 -2.74 -16.77
N VAL B 226 -6.02 -1.56 -16.89
CA VAL B 226 -5.43 -1.03 -18.14
C VAL B 226 -4.27 -1.93 -18.56
N LEU B 227 -3.36 -2.25 -17.62
CA LEU B 227 -2.23 -3.16 -17.84
C LEU B 227 -2.72 -4.56 -18.25
N TYR B 228 -3.81 -5.03 -17.65
CA TYR B 228 -4.46 -6.31 -18.00
C TYR B 228 -4.93 -6.23 -19.48
N GLU B 229 -5.71 -5.16 -19.81
CA GLU B 229 -6.24 -4.86 -21.13
C GLU B 229 -5.14 -4.99 -22.19
N LEU B 230 -4.00 -4.31 -21.96
CA LEU B 230 -2.83 -4.31 -22.85
C LEU B 230 -2.31 -5.70 -23.19
N PHE B 231 -2.12 -6.52 -22.16
CA PHE B 231 -1.58 -7.88 -22.26
C PHE B 231 -2.57 -8.89 -22.85
N THR B 232 -3.87 -8.54 -22.93
CA THR B 232 -4.87 -9.40 -23.57
C THR B 232 -4.93 -9.04 -25.06
N TYR B 233 -4.30 -7.92 -25.44
CA TYR B 233 -4.24 -7.39 -26.79
C TYR B 233 -5.65 -7.06 -27.28
N ILE B 234 -6.53 -6.72 -26.31
CA ILE B 234 -7.95 -6.39 -26.47
C ILE B 234 -8.70 -7.51 -27.22
N GLU B 235 -8.43 -8.80 -26.85
CA GLU B 235 -9.09 -9.99 -27.39
C GLU B 235 -10.53 -9.91 -26.87
N LYS B 236 -11.50 -9.94 -27.81
CA LYS B 236 -12.94 -9.80 -27.58
C LYS B 236 -13.47 -10.57 -26.35
N SER B 237 -13.14 -11.87 -26.28
CA SER B 237 -13.55 -12.78 -25.23
C SER B 237 -12.88 -12.52 -23.86
N LYS B 238 -11.67 -11.95 -23.88
CA LYS B 238 -10.84 -11.71 -22.71
C LYS B 238 -11.02 -10.35 -22.02
N SER B 239 -11.99 -9.50 -22.46
CA SER B 239 -12.24 -8.18 -21.87
C SER B 239 -12.62 -8.21 -20.37
N PRO B 240 -12.30 -7.17 -19.56
CA PRO B 240 -12.73 -7.19 -18.14
C PRO B 240 -14.25 -7.47 -17.99
N PRO B 241 -15.21 -6.79 -18.71
CA PRO B 241 -16.63 -7.19 -18.58
C PRO B 241 -16.90 -8.69 -18.86
N ALA B 242 -16.34 -9.24 -19.97
CA ALA B 242 -16.54 -10.64 -20.35
C ALA B 242 -15.98 -11.61 -19.34
N GLU B 243 -14.76 -11.33 -18.83
CA GLU B 243 -14.12 -12.19 -17.84
C GLU B 243 -14.84 -12.15 -16.49
N PHE B 244 -15.29 -10.96 -16.05
CA PHE B 244 -16.02 -10.81 -14.80
C PHE B 244 -17.43 -11.41 -14.89
N MET B 245 -18.18 -11.16 -16.01
CA MET B 245 -19.52 -11.70 -16.25
C MET B 245 -19.52 -13.21 -16.28
N ARG B 246 -18.44 -13.82 -16.75
CA ARG B 246 -18.22 -15.26 -16.78
C ARG B 246 -18.07 -15.74 -15.32
N MET B 247 -17.29 -15.01 -14.51
CA MET B 247 -17.05 -15.30 -13.09
C MET B 247 -18.30 -15.14 -12.23
N ILE B 248 -19.11 -14.10 -12.50
CA ILE B 248 -20.34 -13.77 -11.78
C ILE B 248 -21.51 -14.67 -12.23
N GLY B 249 -21.62 -14.87 -13.54
CA GLY B 249 -22.67 -15.65 -14.17
C GLY B 249 -23.41 -14.77 -15.14
N ASN B 250 -23.54 -15.19 -16.41
CA ASN B 250 -24.22 -14.42 -17.44
C ASN B 250 -25.74 -14.34 -17.22
N ASP B 251 -26.25 -15.20 -16.31
CA ASP B 251 -27.66 -15.29 -15.89
C ASP B 251 -28.07 -14.07 -15.04
N LYS B 252 -27.12 -13.49 -14.25
CA LYS B 252 -27.35 -12.37 -13.33
C LYS B 252 -27.98 -11.13 -14.00
N GLN B 253 -29.00 -10.57 -13.30
CA GLN B 253 -29.89 -9.43 -13.64
C GLN B 253 -29.18 -8.21 -14.26
N GLY B 254 -29.10 -7.12 -13.52
CA GLY B 254 -28.45 -5.89 -13.98
C GLY B 254 -28.01 -5.11 -12.77
N GLN B 255 -29.02 -4.78 -11.96
CA GLN B 255 -28.96 -4.10 -10.66
C GLN B 255 -28.05 -4.93 -9.71
N MET B 256 -28.13 -6.26 -9.89
CA MET B 256 -27.50 -7.33 -9.15
C MET B 256 -26.05 -7.60 -9.50
N ILE B 257 -25.64 -7.40 -10.78
CA ILE B 257 -24.27 -7.57 -11.28
C ILE B 257 -23.28 -6.83 -10.39
N VAL B 258 -23.60 -5.56 -10.01
CA VAL B 258 -22.74 -4.76 -9.11
C VAL B 258 -22.55 -5.47 -7.76
N PHE B 259 -23.64 -6.03 -7.19
CA PHE B 259 -23.60 -6.70 -5.88
C PHE B 259 -22.74 -7.97 -5.89
N HIS B 260 -22.88 -8.78 -6.93
CA HIS B 260 -22.11 -10.00 -7.16
C HIS B 260 -20.61 -9.71 -7.43
N LEU B 261 -20.31 -8.57 -8.10
CA LEU B 261 -18.97 -8.09 -8.40
C LEU B 261 -18.30 -7.68 -7.10
N ILE B 262 -19.05 -6.96 -6.23
CA ILE B 262 -18.58 -6.51 -4.92
C ILE B 262 -18.16 -7.70 -4.09
N GLU B 263 -18.98 -8.76 -4.10
CA GLU B 263 -18.74 -9.99 -3.35
C GLU B 263 -17.59 -10.78 -3.90
N LEU B 264 -17.43 -10.78 -5.24
CA LEU B 264 -16.35 -11.44 -5.95
C LEU B 264 -15.01 -10.81 -5.54
N LEU B 265 -14.92 -9.48 -5.68
CA LEU B 265 -13.73 -8.71 -5.32
C LEU B 265 -13.36 -8.83 -3.83
N LYS B 266 -14.38 -8.86 -2.94
CA LYS B 266 -14.24 -9.02 -1.49
C LYS B 266 -13.66 -10.40 -1.15
N ASN B 267 -14.02 -11.43 -1.94
CA ASN B 267 -13.54 -12.81 -1.78
C ASN B 267 -12.32 -13.09 -2.66
N ASN B 268 -11.61 -12.02 -3.05
CA ASN B 268 -10.39 -11.98 -3.85
C ASN B 268 -10.49 -12.68 -5.23
N GLY B 269 -11.68 -12.59 -5.82
CA GLY B 269 -11.93 -13.02 -7.19
C GLY B 269 -11.29 -11.94 -8.06
N ARG B 270 -10.43 -12.36 -9.00
CA ARG B 270 -9.64 -11.44 -9.83
C ARG B 270 -9.60 -11.85 -11.29
N LEU B 271 -9.24 -10.90 -12.18
CA LEU B 271 -9.07 -11.15 -13.62
C LEU B 271 -7.91 -12.14 -13.82
N PRO B 272 -8.03 -13.14 -14.73
CA PRO B 272 -6.92 -14.10 -14.89
C PRO B 272 -5.67 -13.50 -15.51
N ARG B 273 -4.55 -14.23 -15.47
CA ARG B 273 -3.33 -13.75 -16.10
C ARG B 273 -3.52 -13.87 -17.62
N PRO B 274 -3.40 -12.76 -18.39
CA PRO B 274 -3.56 -12.85 -19.86
C PRO B 274 -2.57 -13.83 -20.47
N ASP B 275 -3.00 -14.52 -21.57
CA ASP B 275 -2.19 -15.51 -22.29
C ASP B 275 -0.88 -14.90 -22.73
N GLY B 276 0.21 -15.56 -22.36
CA GLY B 276 1.57 -15.14 -22.66
C GLY B 276 2.19 -14.14 -21.69
N CYS B 277 1.36 -13.51 -20.83
CA CYS B 277 1.81 -12.49 -19.89
C CYS B 277 2.83 -13.04 -18.91
N PRO B 278 4.02 -12.38 -18.78
CA PRO B 278 5.01 -12.85 -17.79
C PRO B 278 4.49 -12.63 -16.37
N ASP B 279 4.88 -13.52 -15.45
CA ASP B 279 4.43 -13.51 -14.07
C ASP B 279 4.71 -12.19 -13.35
N GLU B 280 5.84 -11.55 -13.67
CA GLU B 280 6.24 -10.28 -13.06
C GLU B 280 5.32 -9.09 -13.43
N ILE B 281 4.75 -9.11 -14.67
CA ILE B 281 3.77 -8.11 -15.16
C ILE B 281 2.39 -8.40 -14.49
N TYR B 282 2.02 -9.70 -14.36
CA TYR B 282 0.78 -10.09 -13.69
C TYR B 282 0.80 -9.70 -12.21
N MET B 283 1.99 -9.74 -11.59
CA MET B 283 2.22 -9.41 -10.18
C MET B 283 1.93 -7.96 -9.94
N ILE B 284 2.25 -7.12 -10.94
CA ILE B 284 2.00 -5.70 -10.94
C ILE B 284 0.50 -5.50 -10.92
N MET B 285 -0.23 -6.13 -11.86
CA MET B 285 -1.69 -6.10 -11.96
C MET B 285 -2.35 -6.44 -10.60
N THR B 286 -1.99 -7.61 -10.02
CA THR B 286 -2.57 -8.11 -8.76
C THR B 286 -2.29 -7.18 -7.56
N GLU B 287 -1.14 -6.52 -7.54
CA GLU B 287 -0.72 -5.58 -6.47
C GLU B 287 -1.56 -4.30 -6.53
N CYS B 288 -1.95 -3.87 -7.75
CA CYS B 288 -2.82 -2.71 -7.98
C CYS B 288 -4.22 -3.11 -7.51
N TRP B 289 -4.57 -4.39 -7.68
CA TRP B 289 -5.87 -4.93 -7.30
C TRP B 289 -5.95 -5.41 -5.84
N ASN B 290 -5.31 -4.68 -4.92
CA ASN B 290 -5.42 -5.01 -3.52
C ASN B 290 -6.72 -4.39 -2.96
N ASN B 291 -7.46 -5.17 -2.15
CA ASN B 291 -8.66 -4.67 -1.48
C ASN B 291 -8.29 -3.55 -0.51
N ASN B 292 -7.09 -3.60 0.08
CA ASN B 292 -6.58 -2.58 0.99
C ASN B 292 -5.99 -1.48 0.17
N VAL B 293 -6.68 -0.36 0.16
CA VAL B 293 -6.34 0.85 -0.58
C VAL B 293 -4.89 1.31 -0.31
N ASN B 294 -4.37 1.03 0.92
CA ASN B 294 -3.03 1.41 1.41
C ASN B 294 -1.90 0.49 0.98
N GLN B 295 -2.26 -0.73 0.62
CA GLN B 295 -1.34 -1.76 0.12
C GLN B 295 -1.14 -1.67 -1.39
N ARG B 296 -1.76 -0.68 -2.06
CA ARG B 296 -1.63 -0.52 -3.50
C ARG B 296 -0.35 0.30 -3.79
N PRO B 297 0.39 -0.04 -4.89
CA PRO B 297 1.58 0.74 -5.24
C PRO B 297 1.24 2.20 -5.61
N SER B 298 2.25 3.04 -5.69
CA SER B 298 2.09 4.41 -6.13
C SER B 298 2.42 4.43 -7.64
N PHE B 299 2.07 5.51 -8.36
CA PHE B 299 2.40 5.62 -9.77
C PHE B 299 3.87 5.81 -9.99
N ARG B 300 4.54 6.44 -8.99
CA ARG B 300 5.98 6.68 -8.94
C ARG B 300 6.69 5.33 -8.90
N ASP B 301 6.23 4.43 -8.01
CA ASP B 301 6.79 3.09 -7.82
C ASP B 301 6.47 2.16 -8.98
N LEU B 302 5.24 2.28 -9.56
CA LEU B 302 4.80 1.52 -10.73
C LEU B 302 5.69 1.84 -11.91
N ALA B 303 6.00 3.13 -12.14
CA ALA B 303 6.88 3.62 -13.23
C ALA B 303 8.27 3.02 -13.13
N LEU B 304 8.90 3.11 -11.93
CA LEU B 304 10.23 2.54 -11.65
C LEU B 304 10.27 1.05 -11.94
N ARG B 305 9.23 0.32 -11.49
CA ARG B 305 9.08 -1.13 -11.65
C ARG B 305 9.00 -1.51 -13.12
N VAL B 306 8.05 -0.89 -13.87
CA VAL B 306 7.83 -1.10 -15.31
C VAL B 306 9.13 -0.80 -16.06
N ASP B 307 9.81 0.32 -15.74
CA ASP B 307 11.09 0.71 -16.36
C ASP B 307 12.22 -0.27 -16.05
N GLN B 308 12.24 -0.84 -14.82
CA GLN B 308 13.22 -1.83 -14.36
C GLN B 308 13.03 -3.10 -15.18
N ILE B 309 11.75 -3.55 -15.35
CA ILE B 309 11.40 -4.74 -16.13
C ILE B 309 11.77 -4.54 -17.60
N ARG B 310 11.51 -3.34 -18.16
CA ARG B 310 11.84 -2.94 -19.53
C ARG B 310 13.36 -3.07 -19.76
N ASP B 311 14.16 -2.44 -18.88
CA ASP B 311 15.63 -2.47 -18.89
C ASP B 311 16.19 -3.88 -18.76
N ASN B 312 15.55 -4.77 -17.98
CA ASN B 312 15.98 -6.17 -17.85
C ASN B 312 15.75 -6.89 -19.18
N MET B 313 14.54 -6.72 -19.79
CA MET B 313 14.17 -7.32 -21.08
C MET B 313 15.12 -6.87 -22.22
N ALA B 314 15.54 -5.58 -22.19
CA ALA B 314 16.46 -4.99 -23.15
C ALA B 314 17.91 -5.43 -22.90
N GLY B 315 18.36 -5.33 -21.64
CA GLY B 315 19.72 -5.65 -21.18
C GLY B 315 20.40 -4.36 -20.69
C13 4OK C . -5.84 -5.85 24.09
C18 4OK C . 0.99 -10.21 26.30
C17 4OK C . 2.34 -10.01 26.60
C16 4OK C . -2.21 -4.56 26.64
C15 4OK C . -4.21 -4.26 25.67
C19 4OK C . -6.62 -6.71 23.14
C20 4OK C . -0.76 -3.32 28.30
C21 4OK C . -8.34 -7.16 24.93
C22 4OK C . -8.76 -7.78 22.60
C23 4OK C . -9.64 -6.40 24.91
C24 4OK C . -10.05 -6.99 22.67
C11 4OK C . 0.56 -7.86 26.62
C12 4OK C . -0.40 -6.73 26.66
C1 4OK C . 1.91 -7.67 26.88
C2 4OK C . -6.26 -4.57 24.48
C3 4OK C . -5.46 -3.76 25.26
C4 4OK C . 2.80 -8.74 26.87
C5 4OK C . -1.56 -6.77 25.88
C6 4OK C . -4.60 -6.33 24.50
C7 4OK C . -0.16 -5.61 27.46
C8 4OK C . 0.12 -9.15 26.31
C9 4OK C . -2.46 -5.72 25.87
C10 4OK C . -3.76 -5.54 25.27
C14 4OK C . -1.05 -4.52 27.45
N25 4OK C . -3.26 -3.68 26.49
N26 4OK C . -7.81 -7.21 23.56
N27 4OK C . 0.48 -3.19 28.85
O28 4OK C . -6.21 -6.89 22.01
O29 4OK C . -1.63 -2.47 28.47
O30 4OK C . -10.58 -6.98 24.01
CL1 4OK C . 3.43 -11.35 26.73
CL2 4OK C . 0.39 -11.78 25.88
C13 4OK D . -10.17 7.64 -34.34
C18 4OK D . -14.16 10.62 -27.52
C17 4OK D . -13.87 11.22 -26.29
C16 4OK D . -9.11 11.18 -31.56
C15 4OK D . -8.82 9.85 -33.34
C19 4OK D . -10.88 6.43 -34.87
C20 4OK D . -8.06 13.30 -30.71
C21 4OK D . -12.07 5.32 -36.75
C22 4OK D . -11.61 7.66 -36.93
C23 4OK D . -13.55 5.60 -36.88
C24 4OK D . -13.10 7.93 -37.05
C11 4OK D . -11.94 11.16 -28.31
C12 4OK D . -10.95 11.18 -29.42
C1 4OK D . -11.67 11.73 -27.07
C2 4OK D . -9.02 8.12 -34.98
C3 4OK D . -8.35 9.23 -34.49
C4 4OK D . -12.62 11.76 -26.06
C5 4OK D . -11.02 10.23 -30.44
C6 4OK D . -10.64 8.27 -33.20
C7 4OK D . -9.95 12.17 -29.49
C8 4OK D . -13.20 10.58 -28.51
C9 4OK D . -10.14 10.22 -31.51
C10 4OK D . -9.97 9.38 -32.68
C14 4OK D . -9.04 12.17 -30.56
N25 4OK D . -8.31 10.94 -32.66
N26 4OK D . -11.41 6.46 -36.11
N27 4OK D . -7.88 14.13 -29.72
O28 4OK D . -10.98 5.43 -34.16
O29 4OK D . -7.45 13.40 -31.76
O30 4OK D . -13.79 6.80 -37.62
CL1 4OK D . -15.08 11.30 -25.04
CL2 4OK D . -15.75 10.03 -27.87
#